data_2XQS
#
_entry.id   2XQS
#
_cell.length_a   92.930
_cell.length_b   92.930
_cell.length_c   258.540
_cell.angle_alpha   90.00
_cell.angle_beta   90.00
_cell.angle_gamma   120.00
#
_symmetry.space_group_name_H-M   'P 63 2 2'
#
loop_
_entity.id
_entity.type
_entity.pdbx_description
1 polymer 'ATP SYNTHASE C CHAIN'
2 non-polymer CYMAL-4
3 water water
#
_entity_poly.entity_id   1
_entity_poly.type   'polypeptide(L)'
_entity_poly.pdbx_seq_one_letter_code
;(FME)ESNLTTAASVIAAALAVGIGSIGPGLGQGQAAGQAVEGIARQPEAEGKIRGTLLLSLAFMEALTIYGLVVALVLL
FANPFV
;
_entity_poly.pdbx_strand_id   A,B,C,D,E
#
loop_
_chem_comp.id
_chem_comp.type
_chem_comp.name
_chem_comp.formula
CVM non-polymer CYMAL-4 'C22 H40 O11'
#
# COMPACT_ATOMS: atom_id res chain seq x y z
N FME A 1 24.15 -14.58 -20.56
CN FME A 1 23.24 -13.84 -21.29
O1 FME A 1 23.54 -13.45 -22.41
CA FME A 1 24.04 -14.20 -19.16
CB FME A 1 23.92 -15.43 -18.26
CG FME A 1 22.81 -16.37 -18.71
SD FME A 1 21.23 -15.82 -18.14
CE FME A 1 19.95 -16.42 -19.21
C FME A 1 25.26 -13.40 -18.83
O FME A 1 26.12 -13.82 -18.05
N GLU A 2 25.36 -12.22 -19.47
CA GLU A 2 26.40 -11.25 -19.17
C GLU A 2 26.03 -10.38 -17.97
N SER A 3 27.05 -9.99 -17.21
CA SER A 3 26.86 -9.22 -15.98
C SER A 3 28.04 -8.27 -15.77
N ASN A 4 27.74 -6.97 -15.74
CA ASN A 4 28.75 -5.94 -15.48
C ASN A 4 28.07 -4.72 -14.87
N LEU A 5 28.87 -3.79 -14.35
CA LEU A 5 28.37 -2.52 -13.85
C LEU A 5 27.22 -1.98 -14.71
N THR A 6 27.47 -1.83 -16.00
CA THR A 6 26.51 -1.19 -16.89
C THR A 6 25.19 -1.97 -16.98
N THR A 7 25.25 -3.29 -16.87
CA THR A 7 24.00 -4.06 -16.87
C THR A 7 23.24 -3.91 -15.55
N ALA A 8 23.99 -3.73 -14.46
CA ALA A 8 23.37 -3.57 -13.15
C ALA A 8 22.73 -2.19 -13.02
N ALA A 9 23.46 -1.16 -13.44
CA ALA A 9 22.92 0.18 -13.46
C ALA A 9 21.69 0.24 -14.37
N SER A 10 21.66 -0.62 -15.39
CA SER A 10 20.53 -0.62 -16.31
C SER A 10 19.23 -1.18 -15.73
N VAL A 11 19.31 -2.21 -14.90
CA VAL A 11 18.07 -2.74 -14.31
C VAL A 11 17.56 -1.80 -13.23
N ILE A 12 18.49 -1.23 -12.47
CA ILE A 12 18.12 -0.30 -11.42
C ILE A 12 17.53 0.97 -12.00
N ALA A 13 18.18 1.49 -13.03
CA ALA A 13 17.71 2.70 -13.68
C ALA A 13 16.31 2.48 -14.26
N ALA A 14 16.10 1.31 -14.87
CA ALA A 14 14.80 0.99 -15.42
C ALA A 14 13.68 1.10 -14.38
N ALA A 15 13.90 0.52 -13.20
CA ALA A 15 12.90 0.56 -12.15
C ALA A 15 12.70 1.98 -11.59
N LEU A 16 13.80 2.70 -11.34
CA LEU A 16 13.68 4.06 -10.80
C LEU A 16 12.92 4.97 -11.75
N ALA A 17 13.16 4.79 -13.05
CA ALA A 17 12.51 5.59 -14.07
C ALA A 17 10.99 5.49 -13.95
N VAL A 18 10.51 4.24 -14.00
CA VAL A 18 9.09 3.98 -13.93
C VAL A 18 8.59 4.21 -12.49
N GLY A 19 9.32 3.70 -11.50
CA GLY A 19 8.88 3.78 -10.12
C GLY A 19 8.78 5.17 -9.51
N ILE A 20 9.86 5.95 -9.58
CA ILE A 20 9.85 7.30 -9.04
C ILE A 20 8.92 8.14 -9.89
N GLY A 21 8.96 7.90 -11.19
CA GLY A 21 8.15 8.61 -12.16
C GLY A 21 6.64 8.52 -11.99
N SER A 22 6.17 7.71 -11.05
CA SER A 22 4.73 7.64 -10.81
C SER A 22 4.26 8.58 -9.71
N ILE A 23 5.17 9.00 -8.83
CA ILE A 23 4.80 9.75 -7.64
C ILE A 23 4.02 11.03 -7.93
N GLY A 24 4.56 11.83 -8.85
CA GLY A 24 3.95 13.08 -9.25
C GLY A 24 2.62 12.91 -9.96
N PRO A 25 2.63 12.24 -11.11
CA PRO A 25 1.38 11.98 -11.82
C PRO A 25 0.31 11.30 -10.95
N GLY A 26 0.68 10.29 -10.17
CA GLY A 26 -0.27 9.62 -9.31
C GLY A 26 -1.00 10.57 -8.38
N LEU A 27 -0.27 11.44 -7.71
CA LEU A 27 -0.90 12.41 -6.81
C LEU A 27 -1.70 13.41 -7.61
N GLY A 28 -1.07 13.96 -8.65
CA GLY A 28 -1.70 14.96 -9.49
C GLY A 28 -3.07 14.54 -10.03
N GLN A 29 -3.16 13.29 -10.50
CA GLN A 29 -4.38 12.76 -11.08
C GLN A 29 -5.48 12.64 -10.03
N GLY A 30 -5.11 12.12 -8.86
CA GLY A 30 -6.07 11.99 -7.78
C GLY A 30 -6.68 13.33 -7.48
N GLN A 31 -5.82 14.33 -7.36
CA GLN A 31 -6.21 15.72 -7.17
C GLN A 31 -7.21 16.18 -8.23
N ALA A 32 -6.84 16.02 -9.50
CA ALA A 32 -7.71 16.45 -10.59
C ALA A 32 -9.06 15.71 -10.57
N ALA A 33 -9.01 14.39 -10.43
CA ALA A 33 -10.22 13.58 -10.42
C ALA A 33 -11.12 13.85 -9.20
N GLY A 34 -10.49 14.12 -8.06
CA GLY A 34 -11.22 14.42 -6.86
C GLY A 34 -12.11 15.63 -7.10
N GLN A 35 -11.54 16.65 -7.74
CA GLN A 35 -12.27 17.85 -8.08
C GLN A 35 -13.40 17.58 -9.07
N ALA A 36 -13.12 16.71 -10.03
CA ALA A 36 -14.11 16.41 -11.07
C ALA A 36 -15.38 15.76 -10.50
N VAL A 37 -15.22 14.73 -9.67
CA VAL A 37 -16.40 14.07 -9.10
C VAL A 37 -17.14 15.01 -8.13
N GLU A 38 -16.38 15.81 -7.37
CA GLU A 38 -16.97 16.84 -6.54
C GLU A 38 -17.75 17.83 -7.41
N GLY A 39 -17.13 18.29 -8.50
CA GLY A 39 -17.82 19.16 -9.44
C GLY A 39 -19.05 18.52 -10.06
N ILE A 40 -18.93 17.27 -10.48
CA ILE A 40 -20.06 16.57 -11.10
C ILE A 40 -21.23 16.46 -10.15
N ALA A 41 -20.96 16.40 -8.85
CA ALA A 41 -22.04 16.39 -7.87
C ALA A 41 -22.65 17.80 -7.68
N ARG A 42 -21.85 18.84 -7.82
CA ARG A 42 -22.34 20.20 -7.64
C ARG A 42 -23.21 20.60 -8.83
N GLN A 43 -22.83 20.14 -10.01
CA GLN A 43 -23.51 20.54 -11.22
C GLN A 43 -23.54 19.37 -12.17
N PRO A 44 -24.38 18.37 -11.86
CA PRO A 44 -24.54 17.18 -12.70
C PRO A 44 -24.69 17.57 -14.16
N GLU A 45 -25.39 18.66 -14.41
CA GLU A 45 -25.66 19.07 -15.79
C GLU A 45 -24.38 19.38 -16.59
N ALA A 46 -23.25 19.52 -15.89
CA ALA A 46 -22.00 19.92 -16.51
C ALA A 46 -21.07 18.73 -16.71
N GLU A 47 -21.54 17.56 -16.27
CA GLU A 47 -20.75 16.35 -16.29
C GLU A 47 -19.96 16.22 -17.58
N GLY A 48 -20.64 16.33 -18.71
CA GLY A 48 -20.00 16.22 -20.01
C GLY A 48 -18.76 17.09 -20.19
N LYS A 49 -18.90 18.38 -19.90
CA LYS A 49 -17.78 19.32 -19.98
C LYS A 49 -16.68 18.95 -18.99
N ILE A 50 -17.10 18.51 -17.82
CA ILE A 50 -16.17 18.22 -16.74
C ILE A 50 -15.40 16.96 -17.05
N ARG A 51 -16.12 15.94 -17.52
CA ARG A 51 -15.53 14.67 -17.93
C ARG A 51 -14.53 14.94 -19.05
N GLY A 52 -14.94 15.76 -20.02
CA GLY A 52 -14.11 16.06 -21.16
C GLY A 52 -12.78 16.72 -20.86
N THR A 53 -12.79 17.69 -19.96
CA THR A 53 -11.57 18.40 -19.59
C THR A 53 -10.69 17.53 -18.68
N LEU A 54 -11.33 16.72 -17.83
CA LEU A 54 -10.64 15.82 -16.93
C LEU A 54 -9.82 14.83 -17.73
N LEU A 55 -10.43 14.27 -18.77
CA LEU A 55 -9.72 13.34 -19.65
C LEU A 55 -8.51 14.00 -20.28
N LEU A 56 -8.63 15.27 -20.64
CA LEU A 56 -7.53 16.02 -21.23
C LEU A 56 -6.35 16.07 -20.27
N SER A 57 -6.64 16.45 -19.03
CA SER A 57 -5.63 16.52 -17.99
C SER A 57 -5.01 15.16 -17.67
N LEU A 58 -5.86 14.15 -17.48
CA LEU A 58 -5.37 12.81 -17.23
C LEU A 58 -4.34 12.42 -18.27
N ALA A 59 -4.68 12.61 -19.54
CA ALA A 59 -3.77 12.31 -20.63
C ALA A 59 -2.41 13.00 -20.47
N PHE A 60 -2.43 14.33 -20.30
CA PHE A 60 -1.20 15.09 -20.08
C PHE A 60 -0.35 14.54 -18.94
N MET A 61 -1.00 14.07 -17.88
CA MET A 61 -0.32 13.54 -16.70
C MET A 61 0.17 12.12 -16.93
N GLU A 62 -0.64 11.33 -17.62
CA GLU A 62 -0.26 9.95 -17.89
C GLU A 62 0.99 9.92 -18.75
N ALA A 63 1.10 10.89 -19.66
CA ALA A 63 2.23 10.98 -20.57
C ALA A 63 3.55 11.23 -19.84
N LEU A 64 3.48 11.88 -18.67
CA LEU A 64 4.69 12.12 -17.88
C LEU A 64 5.29 10.81 -17.39
N THR A 65 4.46 9.91 -16.87
CA THR A 65 4.96 8.62 -16.42
C THR A 65 5.32 7.70 -17.58
N ILE A 66 4.70 7.89 -18.73
CA ILE A 66 4.99 7.07 -19.88
C ILE A 66 6.41 7.30 -20.38
N TYR A 67 6.89 8.54 -20.27
CA TYR A 67 8.27 8.84 -20.62
C TYR A 67 9.23 7.94 -19.85
N GLY A 68 8.95 7.73 -18.57
CA GLY A 68 9.76 6.86 -17.74
C GLY A 68 9.70 5.41 -18.20
N LEU A 69 8.48 4.95 -18.49
CA LEU A 69 8.28 3.65 -19.10
C LEU A 69 9.10 3.52 -20.39
N VAL A 70 9.04 4.56 -21.21
CA VAL A 70 9.75 4.56 -22.48
C VAL A 70 11.24 4.31 -22.28
N VAL A 71 11.83 5.06 -21.35
CA VAL A 71 13.24 4.87 -21.02
C VAL A 71 13.48 3.46 -20.51
N ALA A 72 12.71 3.06 -19.51
CA ALA A 72 12.73 1.69 -18.99
C ALA A 72 12.79 0.63 -20.09
N LEU A 73 11.95 0.80 -21.12
CA LEU A 73 11.89 -0.14 -22.24
C LEU A 73 13.13 -0.06 -23.14
N VAL A 74 13.61 1.14 -23.41
CA VAL A 74 14.85 1.27 -24.16
C VAL A 74 16.00 0.59 -23.42
N LEU A 75 16.10 0.84 -22.12
CA LEU A 75 17.20 0.29 -21.33
C LEU A 75 17.13 -1.23 -21.25
N LEU A 76 15.97 -1.78 -21.56
CA LEU A 76 15.73 -3.18 -21.27
C LEU A 76 15.56 -3.99 -22.55
N PHE A 77 15.25 -3.31 -23.65
CA PHE A 77 14.99 -3.98 -24.92
C PHE A 77 15.77 -3.40 -26.10
N ALA A 78 16.33 -2.20 -25.90
CA ALA A 78 17.17 -1.57 -26.91
C ALA A 78 18.35 -0.88 -26.24
N ASN A 79 18.91 -1.53 -25.22
CA ASN A 79 20.05 -0.96 -24.53
C ASN A 79 21.19 -0.71 -25.49
N PRO A 80 21.66 0.55 -25.56
CA PRO A 80 22.73 1.00 -26.46
C PRO A 80 24.14 0.53 -26.08
N PHE A 81 24.35 0.10 -24.83
CA PHE A 81 25.70 -0.23 -24.36
C PHE A 81 25.89 -1.74 -24.15
N VAL A 82 24.86 -2.40 -23.68
CA VAL A 82 24.91 -3.82 -23.41
C VAL A 82 23.67 -4.49 -23.99
N FME B 1 21.43 -22.21 -11.13
CN FME B 1 20.20 -22.83 -11.14
O1 FME B 1 19.85 -23.48 -12.12
CA FME B 1 21.37 -21.06 -10.25
CB FME B 1 21.68 -21.46 -8.81
CG FME B 1 20.50 -22.21 -8.16
SD FME B 1 21.10 -23.15 -6.80
CE FME B 1 19.81 -24.15 -6.11
C FME B 1 22.35 -20.04 -10.75
O FME B 1 23.35 -20.36 -11.38
N GLU B 2 22.06 -18.77 -10.49
CA GLU B 2 22.92 -17.69 -10.93
C GLU B 2 23.00 -16.64 -9.84
N SER B 3 24.18 -16.05 -9.68
CA SER B 3 24.33 -14.98 -8.70
C SER B 3 25.52 -14.07 -8.98
N ASN B 4 25.33 -13.19 -9.95
CA ASN B 4 26.21 -12.05 -10.16
C ASN B 4 25.58 -10.80 -9.53
N LEU B 5 26.14 -9.65 -9.88
CA LEU B 5 25.61 -8.35 -9.46
C LEU B 5 24.26 -8.14 -10.11
N THR B 6 24.19 -8.44 -11.41
CA THR B 6 23.00 -8.10 -12.17
C THR B 6 21.78 -8.83 -11.63
N THR B 7 21.91 -10.13 -11.35
CA THR B 7 20.78 -10.86 -10.76
C THR B 7 20.32 -10.14 -9.51
N ALA B 8 21.28 -9.75 -8.68
CA ALA B 8 21.00 -9.06 -7.42
C ALA B 8 20.34 -7.70 -7.66
N ALA B 9 20.93 -6.90 -8.53
CA ALA B 9 20.32 -5.61 -8.89
C ALA B 9 18.92 -5.84 -9.43
N SER B 10 18.75 -6.91 -10.20
CA SER B 10 17.48 -7.18 -10.84
C SER B 10 16.35 -7.38 -9.83
N VAL B 11 16.60 -8.19 -8.82
CA VAL B 11 15.55 -8.50 -7.83
C VAL B 11 15.16 -7.28 -6.98
N ILE B 12 16.16 -6.51 -6.56
CA ILE B 12 15.95 -5.23 -5.87
C ILE B 12 15.19 -4.25 -6.75
N ALA B 13 15.65 -4.11 -7.99
CA ALA B 13 15.01 -3.24 -8.95
C ALA B 13 13.53 -3.60 -9.03
N ALA B 14 13.27 -4.89 -9.18
CA ALA B 14 11.92 -5.38 -9.31
C ALA B 14 11.04 -4.85 -8.16
N ALA B 15 11.50 -5.10 -6.94
CA ALA B 15 10.80 -4.68 -5.73
C ALA B 15 10.54 -3.18 -5.67
N LEU B 16 11.53 -2.37 -6.05
CA LEU B 16 11.42 -0.91 -5.95
C LEU B 16 10.41 -0.38 -6.96
N ALA B 17 10.46 -0.96 -8.16
CA ALA B 17 9.56 -0.60 -9.24
C ALA B 17 8.07 -0.70 -8.89
N VAL B 18 7.70 -1.55 -7.94
CA VAL B 18 6.31 -1.64 -7.54
C VAL B 18 6.07 -0.98 -6.18
N GLY B 19 7.10 -1.00 -5.33
CA GLY B 19 7.00 -0.45 -4.00
C GLY B 19 6.85 1.05 -4.08
N ILE B 20 7.87 1.71 -4.63
CA ILE B 20 7.79 3.15 -4.89
C ILE B 20 6.67 3.42 -5.91
N GLY B 21 6.56 2.55 -6.90
CA GLY B 21 5.53 2.63 -7.92
C GLY B 21 4.11 2.87 -7.43
N SER B 22 3.75 2.33 -6.27
CA SER B 22 2.37 2.41 -5.78
C SER B 22 2.08 3.60 -4.87
N ILE B 23 3.12 4.32 -4.45
CA ILE B 23 2.96 5.42 -3.52
C ILE B 23 2.07 6.56 -4.03
N GLY B 24 2.42 7.11 -5.18
CA GLY B 24 1.63 8.16 -5.78
C GLY B 24 0.22 7.71 -6.08
N PRO B 25 0.08 6.69 -6.93
CA PRO B 25 -1.26 6.15 -7.23
C PRO B 25 -2.00 5.75 -5.97
N GLY B 26 -1.30 5.18 -5.00
CA GLY B 26 -1.92 4.81 -3.76
C GLY B 26 -2.67 5.98 -3.15
N LEU B 27 -1.95 7.08 -2.96
CA LEU B 27 -2.54 8.31 -2.43
C LEU B 27 -3.58 8.88 -3.39
N GLY B 28 -3.22 9.05 -4.66
CA GLY B 28 -4.12 9.55 -5.66
C GLY B 28 -5.52 8.95 -5.64
N GLN B 29 -5.61 7.63 -5.61
CA GLN B 29 -6.89 6.95 -5.70
C GLN B 29 -7.69 7.20 -4.44
N GLY B 30 -7.02 7.17 -3.29
CA GLY B 30 -7.69 7.48 -2.04
C GLY B 30 -8.43 8.80 -2.13
N GLN B 31 -7.73 9.83 -2.61
CA GLN B 31 -8.25 11.17 -2.80
C GLN B 31 -9.50 11.22 -3.64
N ALA B 32 -9.43 10.62 -4.82
CA ALA B 32 -10.54 10.65 -5.77
C ALA B 32 -11.75 9.91 -5.20
N ALA B 33 -11.52 8.67 -4.77
CA ALA B 33 -12.53 7.86 -4.12
C ALA B 33 -13.28 8.62 -3.00
N GLY B 34 -12.51 9.23 -2.10
CA GLY B 34 -13.08 10.05 -1.04
C GLY B 34 -14.05 11.09 -1.57
N GLN B 35 -13.59 11.88 -2.54
CA GLN B 35 -14.43 12.91 -3.13
C GLN B 35 -15.70 12.35 -3.79
N ALA B 36 -15.57 11.20 -4.42
CA ALA B 36 -16.70 10.62 -5.12
C ALA B 36 -17.81 10.17 -4.17
N VAL B 37 -17.43 9.55 -3.06
CA VAL B 37 -18.42 9.14 -2.07
C VAL B 37 -19.05 10.36 -1.36
N GLU B 38 -18.22 11.36 -1.06
CA GLU B 38 -18.72 12.61 -0.51
C GLU B 38 -19.69 13.23 -1.51
N GLY B 39 -19.33 13.19 -2.79
CA GLY B 39 -20.20 13.68 -3.84
C GLY B 39 -21.48 12.89 -3.90
N ILE B 40 -21.38 11.58 -3.75
CA ILE B 40 -22.54 10.71 -3.88
C ILE B 40 -23.54 10.95 -2.77
N ALA B 41 -23.05 11.25 -1.58
CA ALA B 41 -23.94 11.62 -0.49
C ALA B 41 -24.64 12.95 -0.79
N ARG B 42 -23.92 13.87 -1.42
CA ARG B 42 -24.47 15.19 -1.70
C ARG B 42 -25.52 15.11 -2.80
N GLN B 43 -25.20 14.40 -3.88
CA GLN B 43 -26.17 14.29 -4.96
C GLN B 43 -26.35 12.86 -5.42
N PRO B 44 -27.10 12.07 -4.64
CA PRO B 44 -27.38 10.66 -4.92
C PRO B 44 -27.91 10.50 -6.34
N GLU B 45 -28.72 11.44 -6.79
CA GLU B 45 -29.24 11.41 -8.15
C GLU B 45 -28.08 11.30 -9.16
N ALA B 46 -26.91 11.75 -8.73
CA ALA B 46 -25.77 11.99 -9.64
C ALA B 46 -24.74 10.85 -9.58
N GLU B 47 -25.11 9.80 -8.86
CA GLU B 47 -24.25 8.66 -8.58
C GLU B 47 -23.64 8.01 -9.82
N GLY B 48 -24.48 7.73 -10.81
CA GLY B 48 -24.01 7.08 -12.02
C GLY B 48 -22.92 7.87 -12.74
N LYS B 49 -23.15 9.17 -12.92
CA LYS B 49 -22.19 10.03 -13.62
C LYS B 49 -20.89 10.05 -12.85
N ILE B 50 -21.02 10.21 -11.52
CA ILE B 50 -19.89 10.19 -10.61
C ILE B 50 -19.16 8.86 -10.65
N ARG B 51 -19.90 7.76 -10.46
CA ARG B 51 -19.30 6.44 -10.49
C ARG B 51 -18.55 6.23 -11.80
N GLY B 52 -19.08 6.83 -12.87
CA GLY B 52 -18.45 6.71 -14.16
C GLY B 52 -17.12 7.43 -14.25
N THR B 53 -17.08 8.69 -13.83
CA THR B 53 -15.86 9.47 -13.95
C THR B 53 -14.79 8.98 -12.98
N LEU B 54 -15.23 8.46 -11.83
CA LEU B 54 -14.33 7.89 -10.85
C LEU B 54 -13.53 6.78 -11.49
N LEU B 55 -14.24 5.87 -12.15
CA LEU B 55 -13.64 4.69 -12.75
C LEU B 55 -12.61 5.05 -13.82
N LEU B 56 -13.02 5.93 -14.73
CA LEU B 56 -12.10 6.49 -15.70
C LEU B 56 -10.80 6.96 -15.03
N SER B 57 -10.95 7.72 -13.95
CA SER B 57 -9.81 8.19 -13.16
C SER B 57 -9.01 7.04 -12.53
N LEU B 58 -9.69 6.11 -11.86
CA LEU B 58 -9.03 4.98 -11.21
C LEU B 58 -8.21 4.15 -12.19
N ALA B 59 -8.67 4.07 -13.44
CA ALA B 59 -7.92 3.38 -14.48
C ALA B 59 -6.55 4.04 -14.64
N PHE B 60 -6.56 5.25 -15.19
CA PHE B 60 -5.34 6.04 -15.34
C PHE B 60 -4.32 5.88 -14.21
N MET B 61 -4.79 5.93 -12.97
CA MET B 61 -3.90 5.92 -11.83
C MET B 61 -3.29 4.56 -11.59
N GLU B 62 -4.08 3.51 -11.84
CA GLU B 62 -3.62 2.14 -11.62
C GLU B 62 -2.63 1.74 -12.69
N ALA B 63 -2.80 2.34 -13.88
CA ALA B 63 -1.90 2.07 -15.00
C ALA B 63 -0.48 2.44 -14.64
N LEU B 64 -0.32 3.51 -13.86
CA LEU B 64 1.00 4.03 -13.48
C LEU B 64 1.82 3.01 -12.69
N THR B 65 1.14 2.29 -11.81
CA THR B 65 1.80 1.30 -10.99
C THR B 65 2.00 -0.01 -11.75
N ILE B 66 1.14 -0.26 -12.72
CA ILE B 66 1.29 -1.44 -13.55
C ILE B 66 2.54 -1.33 -14.44
N TYR B 67 2.88 -0.12 -14.85
CA TYR B 67 4.13 0.09 -15.58
C TYR B 67 5.32 -0.42 -14.76
N GLY B 68 5.29 -0.20 -13.46
CA GLY B 68 6.27 -0.75 -12.56
C GLY B 68 6.16 -2.26 -12.51
N LEU B 69 4.93 -2.77 -12.34
CA LEU B 69 4.70 -4.21 -12.33
C LEU B 69 5.24 -4.85 -13.61
N VAL B 70 5.03 -4.18 -14.73
CA VAL B 70 5.52 -4.72 -15.99
C VAL B 70 7.05 -4.82 -16.02
N VAL B 71 7.72 -3.76 -15.57
CA VAL B 71 9.17 -3.76 -15.50
C VAL B 71 9.68 -4.86 -14.57
N ALA B 72 9.01 -5.02 -13.44
CA ALA B 72 9.38 -6.03 -12.46
C ALA B 72 9.39 -7.42 -13.09
N LEU B 73 8.37 -7.73 -13.89
CA LEU B 73 8.23 -9.07 -14.45
C LEU B 73 9.17 -9.32 -15.62
N VAL B 74 9.49 -8.26 -16.36
CA VAL B 74 10.54 -8.37 -17.36
C VAL B 74 11.85 -8.71 -16.64
N LEU B 75 12.02 -8.19 -15.43
CA LEU B 75 13.26 -8.40 -14.70
C LEU B 75 13.36 -9.80 -14.10
N LEU B 76 12.23 -10.42 -13.86
CA LEU B 76 12.23 -11.72 -13.21
C LEU B 76 12.03 -12.84 -14.21
N PHE B 77 11.28 -12.56 -15.28
CA PHE B 77 10.86 -13.61 -16.19
C PHE B 77 11.37 -13.45 -17.61
N ALA B 78 11.64 -12.22 -18.02
CA ALA B 78 12.11 -11.99 -19.37
C ALA B 78 13.38 -11.15 -19.32
N ASN B 79 14.16 -11.35 -18.25
CA ASN B 79 15.37 -10.57 -18.02
C ASN B 79 16.30 -10.65 -19.21
N PRO B 80 16.65 -9.49 -19.76
CA PRO B 80 17.41 -9.35 -21.00
C PRO B 80 18.89 -9.60 -20.79
N PHE B 81 19.34 -9.54 -19.54
CA PHE B 81 20.75 -9.72 -19.24
C PHE B 81 21.06 -11.05 -18.56
N VAL B 82 20.28 -11.42 -17.57
CA VAL B 82 20.58 -12.62 -16.78
C VAL B 82 19.39 -13.55 -16.53
N FME C 1 20.36 -25.82 0.79
CN FME C 1 20.15 -26.80 1.74
O1 FME C 1 19.97 -27.98 1.45
CA FME C 1 20.55 -24.55 1.48
CB FME C 1 21.07 -24.87 2.88
CG FME C 1 21.15 -23.65 3.78
SD FME C 1 22.75 -22.93 3.69
CE FME C 1 22.88 -21.63 4.87
C FME C 1 21.53 -23.68 0.74
O FME C 1 22.70 -24.04 0.60
N GLU C 2 21.09 -22.51 0.27
CA GLU C 2 21.97 -21.61 -0.46
C GLU C 2 22.19 -20.25 0.24
N SER C 3 23.37 -19.67 0.01
CA SER C 3 23.65 -18.31 0.43
C SER C 3 24.71 -17.60 -0.40
N ASN C 4 24.29 -16.52 -1.06
CA ASN C 4 25.16 -15.65 -1.83
C ASN C 4 24.54 -14.26 -1.78
N LEU C 5 25.00 -13.38 -2.65
CA LEU C 5 24.44 -12.04 -2.69
C LEU C 5 22.98 -12.10 -3.15
N THR C 6 22.75 -12.70 -4.32
CA THR C 6 21.44 -12.66 -4.95
C THR C 6 20.34 -13.17 -4.01
N THR C 7 20.64 -14.20 -3.22
CA THR C 7 19.68 -14.68 -2.22
C THR C 7 19.44 -13.66 -1.10
N ALA C 8 20.51 -13.04 -0.66
CA ALA C 8 20.41 -12.01 0.39
C ALA C 8 19.56 -10.83 -0.10
N ALA C 9 19.80 -10.41 -1.34
CA ALA C 9 19.00 -9.37 -1.95
C ALA C 9 17.55 -9.81 -2.09
N SER C 10 17.34 -11.02 -2.60
CA SER C 10 16.00 -11.53 -2.81
C SER C 10 15.11 -11.37 -1.58
N VAL C 11 15.67 -11.55 -0.39
CA VAL C 11 14.83 -11.48 0.80
C VAL C 11 14.55 -10.04 1.21
N ILE C 12 15.54 -9.17 1.03
CA ILE C 12 15.39 -7.74 1.29
C ILE C 12 14.47 -7.10 0.26
N ALA C 13 14.65 -7.50 -1.00
CA ALA C 13 13.71 -7.14 -2.05
C ALA C 13 12.28 -7.55 -1.68
N ALA C 14 12.09 -8.79 -1.24
CA ALA C 14 10.75 -9.22 -0.83
C ALA C 14 10.09 -8.22 0.12
N ALA C 15 10.75 -7.93 1.24
CA ALA C 15 10.17 -7.12 2.30
C ALA C 15 9.89 -5.70 1.84
N LEU C 16 10.82 -5.12 1.10
CA LEU C 16 10.65 -3.77 0.61
C LEU C 16 9.40 -3.66 -0.24
N ALA C 17 9.20 -4.64 -1.12
CA ALA C 17 8.09 -4.62 -2.05
C ALA C 17 6.76 -4.61 -1.32
N VAL C 18 6.67 -5.42 -0.28
CA VAL C 18 5.40 -5.61 0.40
C VAL C 18 5.27 -4.52 1.48
N GLY C 19 6.40 -4.11 2.04
CA GLY C 19 6.40 -3.05 3.05
C GLY C 19 6.16 -1.67 2.46
N ILE C 20 7.09 -1.21 1.64
CA ILE C 20 6.96 0.08 0.98
C ILE C 20 5.65 0.15 0.21
N GLY C 21 5.34 -0.94 -0.49
CA GLY C 21 4.17 -1.01 -1.34
C GLY C 21 2.85 -0.86 -0.61
N SER C 22 2.88 -0.79 0.71
CA SER C 22 1.64 -0.62 1.45
C SER C 22 1.40 0.83 1.88
N ILE C 23 2.46 1.64 1.86
CA ILE C 23 2.35 2.99 2.39
C ILE C 23 1.24 3.82 1.74
N GLY C 24 1.34 4.00 0.43
CA GLY C 24 0.36 4.75 -0.32
C GLY C 24 -1.04 4.17 -0.22
N PRO C 25 -1.22 2.94 -0.74
CA PRO C 25 -2.55 2.32 -0.68
C PRO C 25 -3.21 2.39 0.70
N GLY C 26 -2.45 2.22 1.77
CA GLY C 26 -2.99 2.28 3.12
C GLY C 26 -3.52 3.65 3.51
N LEU C 27 -2.72 4.68 3.29
CA LEU C 27 -3.20 6.04 3.49
C LEU C 27 -4.43 6.34 2.61
N GLY C 28 -4.33 5.98 1.32
CA GLY C 28 -5.43 6.18 0.40
C GLY C 28 -6.74 5.55 0.84
N GLN C 29 -6.69 4.29 1.28
CA GLN C 29 -7.92 3.61 1.72
C GLN C 29 -8.53 4.32 2.92
N GLY C 30 -7.70 4.76 3.85
CA GLY C 30 -8.17 5.44 5.04
C GLY C 30 -8.97 6.66 4.66
N GLN C 31 -8.42 7.46 3.76
CA GLN C 31 -9.07 8.64 3.18
C GLN C 31 -10.43 8.31 2.53
N ALA C 32 -10.45 7.29 1.69
CA ALA C 32 -11.69 6.92 1.03
C ALA C 32 -12.74 6.46 2.05
N ALA C 33 -12.33 5.60 2.98
CA ALA C 33 -13.27 5.08 3.96
C ALA C 33 -13.81 6.19 4.87
N GLY C 34 -12.92 7.02 5.40
CA GLY C 34 -13.34 8.13 6.24
C GLY C 34 -14.46 8.94 5.61
N GLN C 35 -14.28 9.27 4.34
CA GLN C 35 -15.23 10.08 3.61
C GLN C 35 -16.58 9.39 3.45
N ALA C 36 -16.52 8.08 3.28
CA ALA C 36 -17.71 7.29 3.06
C ALA C 36 -18.61 7.24 4.31
N VAL C 37 -18.03 6.95 5.47
CA VAL C 37 -18.84 6.92 6.68
C VAL C 37 -19.36 8.32 7.02
N GLU C 38 -18.51 9.32 6.83
CA GLU C 38 -18.94 10.70 6.91
C GLU C 38 -20.10 10.91 5.95
N GLY C 39 -20.00 10.31 4.77
CA GLY C 39 -21.04 10.41 3.79
C GLY C 39 -22.31 9.76 4.29
N ILE C 40 -22.18 8.51 4.71
CA ILE C 40 -23.29 7.74 5.25
C ILE C 40 -24.00 8.49 6.34
N ALA C 41 -23.24 9.07 7.26
CA ALA C 41 -23.81 9.84 8.36
C ALA C 41 -24.68 11.01 7.87
N ARG C 42 -24.18 11.73 6.87
CA ARG C 42 -24.93 12.84 6.29
C ARG C 42 -26.25 12.35 5.71
N GLN C 43 -26.13 11.45 4.74
CA GLN C 43 -27.27 10.99 3.98
C GLN C 43 -27.39 9.48 4.06
N PRO C 44 -27.92 8.98 5.19
CA PRO C 44 -28.09 7.54 5.48
C PRO C 44 -28.80 6.80 4.36
N GLU C 45 -29.78 7.44 3.74
CA GLU C 45 -30.53 6.84 2.63
C GLU C 45 -29.63 6.39 1.49
N ALA C 46 -28.39 6.88 1.46
CA ALA C 46 -27.53 6.68 0.29
C ALA C 46 -26.44 5.65 0.57
N GLU C 47 -26.55 5.02 1.74
CA GLU C 47 -25.60 4.01 2.17
C GLU C 47 -25.15 3.09 1.04
N GLY C 48 -26.10 2.38 0.43
CA GLY C 48 -25.81 1.40 -0.60
C GLY C 48 -24.98 1.89 -1.77
N LYS C 49 -25.29 3.09 -2.26
CA LYS C 49 -24.56 3.69 -3.38
C LYS C 49 -23.14 4.06 -2.97
N ILE C 50 -22.99 4.38 -1.70
CA ILE C 50 -21.69 4.69 -1.14
C ILE C 50 -20.90 3.42 -0.90
N ARG C 51 -21.51 2.46 -0.19
CA ARG C 51 -20.87 1.18 0.08
C ARG C 51 -20.39 0.57 -1.23
N GLY C 52 -21.19 0.74 -2.28
CA GLY C 52 -20.86 0.16 -3.56
C GLY C 52 -19.69 0.83 -4.26
N THR C 53 -19.70 2.16 -4.31
CA THR C 53 -18.64 2.92 -4.96
C THR C 53 -17.34 2.79 -4.17
N LEU C 54 -17.48 2.66 -2.86
CA LEU C 54 -16.33 2.44 -1.98
C LEU C 54 -15.65 1.10 -2.19
N LEU C 55 -16.44 0.02 -2.31
CA LEU C 55 -15.88 -1.30 -2.58
C LEU C 55 -15.09 -1.27 -3.87
N LEU C 56 -15.63 -0.59 -4.87
CA LEU C 56 -14.91 -0.37 -6.11
C LEU C 56 -13.51 0.21 -5.84
N SER C 57 -13.47 1.43 -5.33
CA SER C 57 -12.20 2.07 -4.99
C SER C 57 -11.25 1.16 -4.20
N LEU C 58 -11.75 0.62 -3.09
CA LEU C 58 -10.91 -0.19 -2.22
C LEU C 58 -10.16 -1.30 -2.98
N ALA C 59 -10.86 -1.97 -3.90
CA ALA C 59 -10.27 -3.01 -4.72
C ALA C 59 -9.10 -2.50 -5.56
N PHE C 60 -9.33 -1.44 -6.33
CA PHE C 60 -8.25 -0.82 -7.11
C PHE C 60 -7.01 -0.50 -6.27
N MET C 61 -7.24 0.10 -5.11
CA MET C 61 -6.17 0.46 -4.21
C MET C 61 -5.46 -0.77 -3.62
N GLU C 62 -6.25 -1.72 -3.14
CA GLU C 62 -5.72 -2.95 -2.55
C GLU C 62 -4.86 -3.68 -3.57
N ALA C 63 -5.36 -3.71 -4.81
CA ALA C 63 -4.68 -4.36 -5.92
C ALA C 63 -3.28 -3.80 -6.12
N LEU C 64 -3.11 -2.50 -5.91
CA LEU C 64 -1.81 -1.87 -5.99
C LEU C 64 -0.83 -2.59 -5.10
N THR C 65 -1.22 -2.83 -3.85
CA THR C 65 -0.31 -3.49 -2.92
C THR C 65 -0.15 -4.96 -3.26
N ILE C 66 -1.19 -5.57 -3.79
CA ILE C 66 -1.11 -6.96 -4.19
C ILE C 66 -0.06 -7.18 -5.29
N TYR C 67 0.30 -6.15 -6.03
CA TYR C 67 1.39 -6.28 -6.99
C TYR C 67 2.71 -6.51 -6.29
N GLY C 68 2.94 -5.80 -5.20
CA GLY C 68 4.12 -6.02 -4.39
C GLY C 68 4.13 -7.39 -3.75
N LEU C 69 2.96 -7.87 -3.33
CA LEU C 69 2.87 -9.19 -2.73
C LEU C 69 3.26 -10.24 -3.75
N VAL C 70 2.74 -10.10 -4.96
CA VAL C 70 3.09 -11.00 -6.05
C VAL C 70 4.62 -11.06 -6.24
N VAL C 71 5.24 -9.90 -6.42
CA VAL C 71 6.69 -9.84 -6.60
C VAL C 71 7.46 -10.58 -5.50
N ALA C 72 7.00 -10.45 -4.25
CA ALA C 72 7.62 -11.10 -3.10
C ALA C 72 7.48 -12.62 -3.14
N LEU C 73 6.28 -13.09 -3.47
CA LEU C 73 6.06 -14.52 -3.56
C LEU C 73 6.92 -15.15 -4.66
N VAL C 74 7.09 -14.46 -5.78
CA VAL C 74 7.97 -14.96 -6.82
C VAL C 74 9.38 -15.02 -6.29
N LEU C 75 9.86 -13.91 -5.73
CA LEU C 75 11.21 -13.86 -5.20
C LEU C 75 11.49 -14.96 -4.19
N LEU C 76 10.45 -15.38 -3.49
CA LEU C 76 10.64 -16.36 -2.42
C LEU C 76 10.39 -17.79 -2.89
N PHE C 77 9.35 -17.97 -3.70
CA PHE C 77 8.86 -19.29 -4.03
C PHE C 77 9.07 -19.70 -5.48
N ALA C 78 9.32 -18.73 -6.35
CA ALA C 78 9.56 -19.03 -7.76
C ALA C 78 10.71 -18.18 -8.31
N ASN C 79 11.78 -18.07 -7.52
CA ASN C 79 12.94 -17.28 -7.90
C ASN C 79 13.60 -17.76 -9.19
N PRO C 80 13.82 -16.83 -10.13
CA PRO C 80 14.42 -17.11 -11.45
C PRO C 80 15.91 -17.40 -11.37
N PHE C 81 16.54 -16.93 -10.30
CA PHE C 81 17.98 -16.87 -10.19
C PHE C 81 18.55 -17.80 -9.14
N VAL C 82 17.87 -17.91 -8.00
CA VAL C 82 18.36 -18.73 -6.90
C VAL C 82 17.27 -19.56 -6.21
N FME D 1 23.19 -23.73 13.83
CN FME D 1 21.83 -23.77 13.66
O1 FME D 1 21.34 -24.38 12.72
CA FME D 1 23.59 -22.36 14.15
CB FME D 1 24.28 -22.25 15.51
CG FME D 1 23.32 -21.75 16.58
SD FME D 1 22.03 -22.94 16.87
CE FME D 1 20.45 -22.18 17.07
C FME D 1 24.41 -21.83 13.01
O FME D 1 25.64 -21.73 13.05
N GLU D 2 23.69 -21.49 11.94
CA GLU D 2 24.28 -20.90 10.75
C GLU D 2 24.15 -19.38 10.83
N SER D 3 25.14 -18.69 10.26
CA SER D 3 25.16 -17.25 10.25
C SER D 3 25.88 -16.74 9.01
N ASN D 4 25.28 -16.98 7.86
CA ASN D 4 25.70 -16.33 6.63
C ASN D 4 25.00 -14.98 6.45
N LEU D 5 25.31 -14.29 5.36
CA LEU D 5 24.64 -13.05 5.00
C LEU D 5 23.13 -13.22 4.98
N THR D 6 22.69 -14.27 4.30
CA THR D 6 21.29 -14.43 3.98
C THR D 6 20.42 -14.62 5.24
N THR D 7 21.00 -15.16 6.31
CA THR D 7 20.27 -15.24 7.56
C THR D 7 20.14 -13.87 8.23
N ALA D 8 21.20 -13.08 8.17
CA ALA D 8 21.18 -11.76 8.77
C ALA D 8 20.25 -10.86 7.93
N ALA D 9 20.26 -11.09 6.62
CA ALA D 9 19.40 -10.37 5.70
C ALA D 9 17.94 -10.72 5.96
N SER D 10 17.69 -12.01 6.17
CA SER D 10 16.33 -12.47 6.45
C SER D 10 15.76 -11.78 7.68
N VAL D 11 16.49 -11.81 8.79
CA VAL D 11 15.98 -11.25 10.04
C VAL D 11 15.69 -9.76 9.87
N ILE D 12 16.62 -9.02 9.25
CA ILE D 12 16.36 -7.62 8.93
C ILE D 12 15.12 -7.46 8.07
N ALA D 13 15.01 -8.32 7.05
CA ALA D 13 13.93 -8.25 6.09
C ALA D 13 12.60 -8.49 6.77
N ALA D 14 12.51 -9.53 7.58
CA ALA D 14 11.27 -9.80 8.30
C ALA D 14 10.81 -8.60 9.13
N ALA D 15 11.75 -7.92 9.78
CA ALA D 15 11.41 -6.78 10.61
C ALA D 15 10.89 -5.61 9.79
N LEU D 16 11.67 -5.17 8.81
CA LEU D 16 11.22 -4.12 7.90
C LEU D 16 9.82 -4.35 7.35
N ALA D 17 9.62 -5.51 6.73
CA ALA D 17 8.34 -5.84 6.09
C ALA D 17 7.13 -5.59 7.00
N VAL D 18 7.23 -6.00 8.25
CA VAL D 18 6.09 -5.91 9.15
C VAL D 18 6.04 -4.54 9.85
N GLY D 19 7.19 -3.90 10.00
CA GLY D 19 7.27 -2.58 10.62
C GLY D 19 6.89 -1.44 9.69
N ILE D 20 7.61 -1.31 8.57
CA ILE D 20 7.27 -0.33 7.55
C ILE D 20 5.87 -0.62 7.08
N GLY D 21 5.60 -1.92 6.91
CA GLY D 21 4.31 -2.38 6.46
C GLY D 21 3.10 -1.85 7.21
N SER D 22 3.29 -1.48 8.48
CA SER D 22 2.17 -1.00 9.29
C SER D 22 1.94 0.52 9.29
N ILE D 23 2.85 1.27 8.68
CA ILE D 23 2.77 2.73 8.74
C ILE D 23 1.52 3.31 8.07
N GLY D 24 1.37 3.06 6.78
CA GLY D 24 0.22 3.55 6.03
C GLY D 24 -1.11 3.08 6.60
N PRO D 25 -1.29 1.76 6.71
CA PRO D 25 -2.54 1.19 7.21
C PRO D 25 -2.84 1.61 8.64
N GLY D 26 -1.82 1.85 9.44
CA GLY D 26 -2.01 2.30 10.81
C GLY D 26 -2.60 3.69 10.81
N LEU D 27 -2.01 4.57 10.00
CA LEU D 27 -2.52 5.93 9.81
C LEU D 27 -3.93 5.92 9.22
N GLY D 28 -4.11 5.14 8.14
CA GLY D 28 -5.34 5.13 7.39
C GLY D 28 -6.52 4.66 8.21
N GLN D 29 -6.32 3.59 8.96
CA GLN D 29 -7.36 3.06 9.82
C GLN D 29 -7.85 4.13 10.82
N GLY D 30 -6.90 4.93 11.31
CA GLY D 30 -7.22 6.01 12.23
C GLY D 30 -8.09 7.05 11.57
N GLN D 31 -7.71 7.45 10.36
CA GLN D 31 -8.50 8.34 9.54
C GLN D 31 -9.93 7.81 9.38
N ALA D 32 -10.05 6.55 9.00
CA ALA D 32 -11.38 5.97 8.78
C ALA D 32 -12.18 5.96 10.09
N ALA D 33 -11.59 5.40 11.14
CA ALA D 33 -12.25 5.32 12.44
C ALA D 33 -12.71 6.68 12.95
N GLY D 34 -11.84 7.68 12.86
CA GLY D 34 -12.19 9.02 13.28
C GLY D 34 -13.49 9.48 12.65
N GLN D 35 -13.56 9.43 11.33
CA GLN D 35 -14.75 9.86 10.62
C GLN D 35 -15.96 9.05 11.09
N ALA D 36 -15.76 7.77 11.32
CA ALA D 36 -16.87 6.92 11.72
C ALA D 36 -17.48 7.37 13.07
N VAL D 37 -16.66 7.66 14.07
CA VAL D 37 -17.19 8.12 15.34
C VAL D 37 -17.84 9.51 15.24
N GLU D 38 -17.15 10.44 14.57
CA GLU D 38 -17.70 11.77 14.33
C GLU D 38 -19.05 11.60 13.66
N GLY D 39 -19.12 10.61 12.76
CA GLY D 39 -20.34 10.30 12.05
C GLY D 39 -21.43 9.83 12.99
N ILE D 40 -21.13 8.82 13.80
CA ILE D 40 -22.07 8.26 14.76
C ILE D 40 -22.58 9.30 15.76
N ALA D 41 -21.80 10.35 16.00
CA ALA D 41 -22.26 11.41 16.88
C ALA D 41 -23.23 12.33 16.14
N ARG D 42 -23.06 12.44 14.83
CA ARG D 42 -23.96 13.26 14.03
C ARG D 42 -25.28 12.56 13.73
N GLN D 43 -25.23 11.24 13.51
CA GLN D 43 -26.44 10.48 13.20
C GLN D 43 -26.45 9.12 13.87
N PRO D 44 -26.64 9.09 15.19
CA PRO D 44 -26.68 7.87 15.99
C PRO D 44 -27.64 6.82 15.42
N GLU D 45 -28.63 7.27 14.65
CA GLU D 45 -29.55 6.35 13.99
C GLU D 45 -28.83 5.56 12.91
N ALA D 46 -27.76 6.13 12.37
CA ALA D 46 -27.02 5.54 11.24
C ALA D 46 -25.86 4.68 11.72
N GLU D 47 -25.78 4.48 13.02
CA GLU D 47 -24.68 3.80 13.67
C GLU D 47 -24.32 2.50 12.96
N GLY D 48 -25.31 1.63 12.76
CA GLY D 48 -25.08 0.32 12.19
C GLY D 48 -24.60 0.33 10.75
N LYS D 49 -25.11 1.26 9.96
CA LYS D 49 -24.66 1.38 8.59
C LYS D 49 -23.22 1.86 8.58
N ILE D 50 -22.96 2.89 9.38
CA ILE D 50 -21.62 3.41 9.55
C ILE D 50 -20.71 2.30 10.03
N ARG D 51 -21.14 1.61 11.09
CA ARG D 51 -20.31 0.60 11.74
C ARG D 51 -19.92 -0.52 10.76
N GLY D 52 -20.84 -0.87 9.88
CA GLY D 52 -20.61 -1.96 8.95
C GLY D 52 -19.64 -1.60 7.85
N THR D 53 -19.84 -0.43 7.27
CA THR D 53 -18.89 0.09 6.29
C THR D 53 -17.49 0.23 6.87
N LEU D 54 -17.38 0.76 8.09
CA LEU D 54 -16.10 0.92 8.74
C LEU D 54 -15.40 -0.43 8.88
N LEU D 55 -16.17 -1.42 9.33
CA LEU D 55 -15.64 -2.73 9.62
C LEU D 55 -15.07 -3.36 8.37
N LEU D 56 -15.74 -3.09 7.26
CA LEU D 56 -15.32 -3.56 5.96
C LEU D 56 -14.01 -2.90 5.55
N SER D 57 -13.94 -1.58 5.72
CA SER D 57 -12.76 -0.79 5.40
C SER D 57 -11.55 -1.26 6.19
N LEU D 58 -11.72 -1.32 7.51
CA LEU D 58 -10.68 -1.80 8.39
C LEU D 58 -10.06 -3.11 7.91
N ALA D 59 -10.89 -4.03 7.44
CA ALA D 59 -10.36 -5.32 7.00
C ALA D 59 -9.44 -5.14 5.79
N PHE D 60 -9.87 -4.31 4.84
CA PHE D 60 -9.05 -4.00 3.68
C PHE D 60 -7.68 -3.47 4.04
N MET D 61 -7.62 -2.59 5.04
CA MET D 61 -6.37 -1.99 5.47
C MET D 61 -5.54 -2.98 6.25
N GLU D 62 -6.21 -3.78 7.09
CA GLU D 62 -5.52 -4.77 7.91
C GLU D 62 -4.78 -5.80 7.04
N ALA D 63 -5.39 -6.16 5.92
CA ALA D 63 -4.76 -7.06 4.97
C ALA D 63 -3.38 -6.56 4.55
N LEU D 64 -3.32 -5.31 4.11
CA LEU D 64 -2.06 -4.69 3.67
C LEU D 64 -0.88 -5.03 4.59
N THR D 65 -1.08 -4.90 5.90
CA THR D 65 -0.01 -5.19 6.84
C THR D 65 0.18 -6.69 7.01
N ILE D 66 -0.90 -7.43 6.84
CA ILE D 66 -0.86 -8.88 6.95
C ILE D 66 -0.01 -9.50 5.84
N TYR D 67 0.07 -8.83 4.69
CA TYR D 67 0.98 -9.29 3.65
C TYR D 67 2.44 -9.19 4.10
N GLY D 68 2.77 -8.12 4.82
CA GLY D 68 4.09 -8.01 5.41
C GLY D 68 4.30 -8.99 6.54
N LEU D 69 3.22 -9.41 7.18
CA LEU D 69 3.29 -10.43 8.23
C LEU D 69 3.53 -11.81 7.64
N VAL D 70 3.04 -12.02 6.42
CA VAL D 70 3.14 -13.30 5.75
C VAL D 70 4.55 -13.49 5.16
N VAL D 71 5.11 -12.40 4.65
CA VAL D 71 6.45 -12.43 4.09
C VAL D 71 7.44 -12.65 5.23
N ALA D 72 7.20 -11.99 6.34
CA ALA D 72 8.02 -12.15 7.53
C ALA D 72 8.02 -13.61 8.01
N LEU D 73 6.84 -14.23 8.03
CA LEU D 73 6.71 -15.61 8.53
C LEU D 73 7.31 -16.67 7.60
N VAL D 74 7.21 -16.45 6.29
CA VAL D 74 7.98 -17.26 5.35
C VAL D 74 9.47 -17.12 5.67
N LEU D 75 9.98 -15.90 5.63
CA LEU D 75 11.38 -15.64 5.90
C LEU D 75 11.91 -16.24 7.20
N LEU D 76 11.02 -16.55 8.15
CA LEU D 76 11.45 -17.12 9.42
C LEU D 76 11.21 -18.63 9.52
N PHE D 77 10.17 -19.11 8.84
CA PHE D 77 9.70 -20.47 9.04
C PHE D 77 9.59 -21.27 7.76
N ALA D 78 9.68 -20.60 6.62
CA ALA D 78 9.57 -21.27 5.34
C ALA D 78 10.64 -20.73 4.41
N ASN D 79 11.76 -20.33 5.00
CA ASN D 79 12.80 -19.67 4.25
C ASN D 79 13.26 -20.55 3.10
N PRO D 80 13.21 -20.02 1.88
CA PRO D 80 13.56 -20.74 0.66
C PRO D 80 15.05 -21.10 0.55
N PHE D 81 15.93 -20.21 1.00
CA PHE D 81 17.36 -20.40 0.73
C PHE D 81 18.14 -20.91 1.92
N VAL D 82 17.92 -20.31 3.09
CA VAL D 82 18.66 -20.69 4.29
C VAL D 82 17.71 -21.22 5.36
N FME E 1 28.67 -15.12 24.89
CN FME E 1 29.13 -15.39 26.16
O1 FME E 1 30.00 -14.67 26.65
CA FME E 1 28.30 -16.36 24.22
CB FME E 1 26.86 -16.70 24.59
CG FME E 1 26.31 -17.97 23.95
SD FME E 1 24.56 -17.99 24.22
CE FME E 1 23.72 -18.09 22.68
C FME E 1 28.51 -16.14 22.73
O FME E 1 29.55 -15.59 22.36
N GLU E 2 27.57 -16.56 21.88
CA GLU E 2 27.76 -16.46 20.44
C GLU E 2 27.46 -15.05 19.93
N SER E 3 28.30 -14.58 19.01
CA SER E 3 28.18 -13.23 18.48
C SER E 3 28.54 -13.12 17.01
N ASN E 4 27.78 -13.82 16.18
CA ASN E 4 27.92 -13.69 14.74
C ASN E 4 27.13 -12.49 14.20
N LEU E 5 27.03 -12.41 12.88
CA LEU E 5 26.36 -11.29 12.23
C LEU E 5 24.87 -11.45 12.36
N THR E 6 24.42 -12.70 12.43
CA THR E 6 22.99 -12.97 12.48
C THR E 6 22.38 -12.67 13.85
N THR E 7 23.13 -12.89 14.93
CA THR E 7 22.64 -12.48 16.24
C THR E 7 22.59 -10.96 16.34
N ALA E 8 23.60 -10.30 15.78
CA ALA E 8 23.63 -8.85 15.74
C ALA E 8 22.42 -8.30 14.98
N ALA E 9 22.23 -8.80 13.75
CA ALA E 9 21.07 -8.43 12.95
C ALA E 9 19.77 -8.76 13.66
N SER E 10 19.78 -9.85 14.43
CA SER E 10 18.56 -10.27 15.11
C SER E 10 18.10 -9.29 16.19
N VAL E 11 19.03 -8.78 16.99
CA VAL E 11 18.62 -7.80 18.00
C VAL E 11 18.11 -6.51 17.34
N ILE E 12 18.88 -5.94 16.42
CA ILE E 12 18.45 -4.75 15.71
C ILE E 12 17.11 -5.00 15.01
N ALA E 13 17.02 -6.11 14.29
CA ALA E 13 15.78 -6.45 13.62
C ALA E 13 14.62 -6.39 14.62
N ALA E 14 14.76 -7.11 15.73
CA ALA E 14 13.67 -7.15 16.71
C ALA E 14 13.24 -5.75 17.18
N ALA E 15 14.20 -4.85 17.40
CA ALA E 15 13.90 -3.48 17.81
C ALA E 15 13.21 -2.64 16.72
N LEU E 16 13.70 -2.77 15.49
CA LEU E 16 13.08 -2.10 14.34
C LEU E 16 11.64 -2.51 14.18
N ALA E 17 11.37 -3.80 14.36
CA ALA E 17 10.04 -4.36 14.19
C ALA E 17 8.99 -3.65 15.04
N VAL E 18 9.32 -3.32 16.29
CA VAL E 18 8.33 -2.68 17.15
C VAL E 18 8.49 -1.16 17.28
N GLY E 19 9.71 -0.65 17.10
CA GLY E 19 9.93 0.77 17.15
C GLY E 19 9.22 1.49 16.01
N ILE E 20 9.43 0.99 14.81
CA ILE E 20 8.81 1.53 13.61
C ILE E 20 7.34 1.12 13.54
N GLY E 21 7.09 -0.16 13.77
CA GLY E 21 5.75 -0.71 13.73
C GLY E 21 4.74 -0.05 14.66
N SER E 22 5.19 0.90 15.48
CA SER E 22 4.26 1.61 16.36
C SER E 22 3.91 3.00 15.83
N ILE E 23 4.80 3.59 15.04
CA ILE E 23 4.56 4.93 14.52
C ILE E 23 3.16 5.10 13.92
N GLY E 24 2.85 4.25 12.94
CA GLY E 24 1.59 4.31 12.22
C GLY E 24 0.39 4.21 13.14
N PRO E 25 0.17 3.03 13.74
CA PRO E 25 -0.91 2.77 14.69
C PRO E 25 -0.92 3.77 15.86
N GLY E 26 0.26 4.27 16.22
CA GLY E 26 0.38 5.23 17.30
C GLY E 26 -0.35 6.52 16.98
N LEU E 27 -0.07 7.09 15.80
CA LEU E 27 -0.81 8.26 15.34
C LEU E 27 -2.30 7.93 15.11
N GLY E 28 -2.57 6.82 14.43
CA GLY E 28 -3.91 6.38 14.13
C GLY E 28 -4.88 6.31 15.30
N GLN E 29 -4.47 5.67 16.38
CA GLN E 29 -5.34 5.60 17.55
C GLN E 29 -5.64 6.99 18.10
N GLY E 30 -4.61 7.84 18.16
CA GLY E 30 -4.75 9.18 18.68
C GLY E 30 -5.77 10.00 17.91
N GLN E 31 -5.75 9.84 16.59
CA GLN E 31 -6.72 10.48 15.71
C GLN E 31 -8.12 9.96 16.01
N ALA E 32 -8.24 8.65 15.98
CA ALA E 32 -9.50 7.98 16.22
C ALA E 32 -10.06 8.35 17.59
N ALA E 33 -9.25 8.17 18.62
CA ALA E 33 -9.65 8.45 19.99
C ALA E 33 -10.04 9.92 20.17
N GLY E 34 -9.31 10.81 19.53
CA GLY E 34 -9.62 12.24 19.63
C GLY E 34 -11.01 12.53 19.10
N GLN E 35 -11.28 12.00 17.92
CA GLN E 35 -12.58 12.11 17.30
C GLN E 35 -13.69 11.58 18.20
N ALA E 36 -13.55 10.33 18.61
CA ALA E 36 -14.44 9.71 19.57
C ALA E 36 -14.87 10.67 20.69
N VAL E 37 -13.92 11.11 21.51
CA VAL E 37 -14.28 11.94 22.66
C VAL E 37 -14.96 13.24 22.23
N GLU E 38 -14.49 13.83 21.14
CA GLU E 38 -15.05 15.08 20.70
C GLU E 38 -16.50 14.84 20.33
N GLY E 39 -16.77 13.67 19.75
CA GLY E 39 -18.13 13.30 19.39
C GLY E 39 -18.99 13.11 20.61
N ILE E 40 -18.44 12.38 21.59
CA ILE E 40 -19.10 12.13 22.87
C ILE E 40 -19.51 13.43 23.55
N ALA E 41 -18.66 14.46 23.44
CA ALA E 41 -18.99 15.75 24.01
C ALA E 41 -20.21 16.37 23.29
N ARG E 42 -20.16 16.39 21.97
CA ARG E 42 -21.25 16.92 21.17
C ARG E 42 -22.56 16.13 21.33
N GLN E 43 -22.44 14.83 21.59
CA GLN E 43 -23.60 13.97 21.58
C GLN E 43 -23.50 12.87 22.63
N PRO E 44 -23.55 13.26 23.91
CA PRO E 44 -23.35 12.33 25.05
C PRO E 44 -24.28 11.12 25.03
N GLU E 45 -25.48 11.26 24.49
CA GLU E 45 -26.38 10.12 24.48
C GLU E 45 -25.86 8.99 23.59
N ALA E 46 -24.85 9.29 22.77
CA ALA E 46 -24.30 8.32 21.82
C ALA E 46 -23.03 7.64 22.35
N GLU E 47 -22.68 7.95 23.59
CA GLU E 47 -21.44 7.48 24.22
C GLU E 47 -21.16 5.99 24.01
N GLY E 48 -22.16 5.16 24.26
CA GLY E 48 -22.00 3.73 24.14
C GLY E 48 -21.79 3.26 22.71
N LYS E 49 -22.43 3.94 21.75
CA LYS E 49 -22.28 3.59 20.34
C LYS E 49 -20.91 4.03 19.84
N ILE E 50 -20.52 5.23 20.27
CA ILE E 50 -19.22 5.78 19.96
C ILE E 50 -18.16 4.90 20.56
N ARG E 51 -18.14 4.85 21.90
CA ARG E 51 -17.16 4.09 22.66
C ARG E 51 -16.99 2.68 22.08
N GLY E 52 -18.10 2.06 21.72
CA GLY E 52 -18.06 0.71 21.18
C GLY E 52 -17.34 0.62 19.86
N THR E 53 -17.82 1.38 18.88
CA THR E 53 -17.20 1.42 17.58
C THR E 53 -15.71 1.76 17.71
N LEU E 54 -15.39 2.70 18.62
CA LEU E 54 -14.02 3.15 18.83
C LEU E 54 -13.14 2.00 19.28
N LEU E 55 -13.62 1.30 20.30
CA LEU E 55 -12.95 0.13 20.84
C LEU E 55 -12.62 -0.87 19.74
N LEU E 56 -13.61 -1.17 18.91
CA LEU E 56 -13.41 -2.02 17.75
C LEU E 56 -12.19 -1.62 16.93
N SER E 57 -12.20 -0.40 16.39
CA SER E 57 -11.10 0.09 15.58
C SER E 57 -9.78 0.03 16.33
N LEU E 58 -9.80 0.41 17.61
CA LEU E 58 -8.58 0.41 18.40
C LEU E 58 -7.89 -0.95 18.34
N ALA E 59 -8.67 -2.02 18.46
CA ALA E 59 -8.12 -3.35 18.34
C ALA E 59 -7.33 -3.50 17.04
N PHE E 60 -8.00 -3.26 15.92
CA PHE E 60 -7.38 -3.39 14.59
C PHE E 60 -5.99 -2.77 14.49
N MET E 61 -5.84 -1.54 14.95
CA MET E 61 -4.57 -0.83 14.87
C MET E 61 -3.53 -1.45 15.80
N GLU E 62 -4.00 -1.81 17.00
CA GLU E 62 -3.15 -2.40 18.02
C GLU E 62 -2.50 -3.67 17.47
N ALA E 63 -3.29 -4.45 16.73
CA ALA E 63 -2.80 -5.64 16.05
C ALA E 63 -1.62 -5.33 15.10
N LEU E 64 -1.73 -4.23 14.35
CA LEU E 64 -0.68 -3.81 13.42
C LEU E 64 0.68 -3.78 14.10
N THR E 65 0.70 -3.41 15.37
CA THR E 65 1.96 -3.38 16.10
C THR E 65 2.29 -4.73 16.73
N ILE E 66 1.26 -5.40 17.22
CA ILE E 66 1.45 -6.71 17.79
C ILE E 66 2.11 -7.67 16.78
N TYR E 67 1.97 -7.38 15.49
CA TYR E 67 2.65 -8.18 14.47
C TYR E 67 4.15 -7.94 14.55
N GLY E 68 4.54 -6.69 14.71
CA GLY E 68 5.93 -6.35 14.92
C GLY E 68 6.44 -6.97 16.21
N LEU E 69 5.61 -6.95 17.24
CA LEU E 69 5.97 -7.56 18.51
C LEU E 69 6.19 -9.07 18.33
N VAL E 70 5.23 -9.71 17.70
CA VAL E 70 5.35 -11.15 17.45
C VAL E 70 6.68 -11.47 16.77
N VAL E 71 6.96 -10.84 15.63
CA VAL E 71 8.23 -11.03 14.95
C VAL E 71 9.41 -10.87 15.93
N ALA E 72 9.45 -9.73 16.62
CA ALA E 72 10.48 -9.49 17.64
C ALA E 72 10.65 -10.66 18.58
N LEU E 73 9.54 -11.17 19.10
CA LEU E 73 9.59 -12.26 20.07
C LEU E 73 10.13 -13.56 19.48
N VAL E 74 9.83 -13.80 18.20
CA VAL E 74 10.40 -14.94 17.51
C VAL E 74 11.90 -14.75 17.34
N LEU E 75 12.30 -13.66 16.70
CA LEU E 75 13.71 -13.35 16.55
C LEU E 75 14.51 -13.45 17.85
N LEU E 76 13.81 -13.42 18.97
CA LEU E 76 14.49 -13.42 20.25
C LEU E 76 14.39 -14.76 20.97
N PHE E 77 13.18 -15.33 20.99
CA PHE E 77 12.93 -16.51 21.80
C PHE E 77 12.78 -17.79 21.00
N ALA E 78 12.49 -17.65 19.70
CA ALA E 78 12.32 -18.80 18.83
C ALA E 78 13.14 -18.61 17.55
N ASN E 79 14.34 -18.04 17.70
CA ASN E 79 15.15 -17.69 16.54
C ASN E 79 15.52 -18.89 15.68
N PRO E 80 15.09 -18.88 14.40
CA PRO E 80 15.30 -19.98 13.45
C PRO E 80 16.74 -20.17 12.96
N PHE E 81 17.64 -19.23 13.24
CA PHE E 81 18.99 -19.34 12.68
C PHE E 81 20.09 -19.36 13.73
N VAL E 82 19.90 -18.61 14.80
CA VAL E 82 20.92 -18.46 15.82
C VAL E 82 20.33 -18.48 17.22
C1 CVM F . 31.31 -2.09 -8.27
C2 CVM F . 30.08 -2.10 -7.35
C3 CVM F . 29.20 -0.87 -7.57
C4 CVM F . 27.74 -1.07 -7.12
C6 CVM F . 26.70 -0.43 -8.06
C7 CVM F . 26.55 1.06 -7.80
C8 CVM F . 25.39 1.71 -8.55
C9 CVM F . 24.68 0.73 -9.48
C10 CVM F . 24.22 -0.49 -8.69
C11 CVM F . 25.34 -1.10 -7.87
O12 CVM F . 31.72 -3.40 -8.65
C13 CVM F . 32.03 -3.52 -10.06
O14 CVM F . 31.89 -4.88 -10.51
C15 CVM F . 31.97 -5.06 -11.93
C16 CVM F . 33.17 -4.36 -12.60
C17 CVM F . 33.65 -3.07 -11.91
C18 CVM F . 33.44 -3.08 -10.40
C19 CVM F . 32.03 -6.55 -12.29
O20 CVM F . 30.77 -7.21 -12.07
O21 CVM F . 35.04 -2.87 -12.21
O22 CVM F . 33.71 -1.78 -9.84
O23 CVM F . 32.75 -4.05 -13.93
C24 CVM F . 33.71 -4.38 -14.93
O25 CVM F . 33.87 -5.82 -14.98
C26 CVM F . 33.65 -6.54 -16.21
C27 CVM F . 33.98 -5.69 -17.42
C28 CVM F . 33.03 -4.52 -17.42
C29 CVM F . 33.31 -3.64 -16.21
C30 CVM F . 34.56 -7.77 -16.22
O31 CVM F . 35.90 -7.35 -16.47
O32 CVM F . 33.82 -6.47 -18.62
O33 CVM F . 33.21 -3.75 -18.62
O34 CVM F . 32.14 -2.86 -15.93
C6 CVM G . -0.73 14.13 -25.87
C7 CVM G . -0.05 15.45 -26.23
C8 CVM G . 1.24 15.66 -25.47
C9 CVM G . 1.43 14.55 -24.44
C10 CVM G . 0.19 14.44 -23.56
C11 CVM G . -1.05 14.13 -24.38
C6 CVM H . 1.99 8.95 -26.02
C7 CVM H . 1.82 10.14 -26.95
C8 CVM H . 2.52 11.38 -26.42
C9 CVM H . 3.29 11.09 -25.13
C10 CVM H . 4.23 9.90 -25.32
C11 CVM H . 3.47 8.66 -25.79
C6 CVM I . -3.72 8.15 -24.02
C7 CVM I . -2.67 8.53 -25.06
C8 CVM I . -1.48 9.22 -24.40
C9 CVM I . -1.66 9.30 -22.89
C10 CVM I . -1.90 7.92 -22.31
C11 CVM I . -3.11 7.25 -22.95
C6 CVM J . -1.24 1.91 -22.85
C7 CVM J . -1.44 3.14 -23.75
C8 CVM J . -0.24 3.36 -24.64
C9 CVM J . 1.01 3.73 -23.83
C10 CVM J . 1.03 2.95 -22.53
C11 CVM J . 0.25 1.64 -22.68
C6 CVM K . 5.26 1.65 -25.45
C7 CVM K . 5.85 2.37 -26.66
C8 CVM K . 4.86 3.38 -27.22
C9 CVM K . 4.67 4.53 -26.24
C10 CVM K . 5.05 4.07 -24.84
C11 CVM K . 4.56 2.67 -24.55
C6 CVM L . 12.46 -0.57 -28.18
C7 CVM L . 12.56 0.70 -27.35
C8 CVM L . 11.25 1.49 -27.39
C9 CVM L . 10.15 0.72 -26.67
C10 CVM L . 10.40 -0.78 -26.77
C11 CVM L . 11.05 -1.13 -28.10
C6 CVM M . 1.52 -2.98 -22.95
C7 CVM M . 1.15 -2.41 -21.58
C8 CVM M . 2.28 -2.65 -20.60
C9 CVM M . 3.50 -1.81 -20.98
C10 CVM M . 3.54 -1.58 -22.48
C11 CVM M . 3.01 -2.81 -23.20
C1 CVM N . 29.55 -5.72 -4.83
C2 CVM N . 28.48 -5.53 -3.76
C3 CVM N . 27.46 -4.46 -4.14
C4 CVM N . 26.12 -4.58 -3.41
C6 CVM N . 24.97 -3.92 -4.20
C7 CVM N . 24.37 -2.76 -3.42
C8 CVM N . 23.14 -2.15 -4.11
C9 CVM N . 22.83 -2.83 -5.44
C10 CVM N . 22.67 -4.33 -5.22
C11 CVM N . 23.86 -4.93 -4.47
O12 CVM N . 29.99 -7.08 -4.90
C13 CVM N . 30.12 -7.56 -6.24
O14 CVM N . 29.80 -8.95 -6.35
C15 CVM N . 29.74 -9.41 -7.71
C16 CVM N . 31.04 -9.18 -8.48
C17 CVM N . 31.69 -7.82 -8.20
C18 CVM N . 31.55 -7.38 -6.74
C19 CVM N . 29.39 -10.90 -7.76
O20 CVM N . 29.35 -11.34 -9.13
O21 CVM N . 33.07 -7.90 -8.54
O22 CVM N . 31.93 -6.00 -6.58
O23 CVM N . 30.71 -9.33 -9.86
C24 CVM N . 31.78 -9.82 -10.68
O25 CVM N . 32.87 -10.31 -9.89
C26 CVM N . 32.88 -11.68 -9.50
C27 CVM N . 32.67 -12.58 -10.72
C28 CVM N . 31.29 -12.29 -11.27
C29 CVM N . 31.20 -10.83 -11.70
C30 CVM N . 34.19 -11.99 -8.81
O31 CVM N . 34.33 -11.15 -7.66
O32 CVM N . 32.74 -13.95 -10.32
O33 CVM N . 31.03 -13.14 -12.38
O34 CVM N . 29.83 -10.52 -11.93
C6 CVM O . -6.24 4.27 -19.25
C7 CVM O . -6.17 3.57 -20.60
C8 CVM O . -4.85 3.86 -21.31
C9 CVM O . -3.93 4.72 -20.45
C10 CVM O . -3.74 4.05 -19.10
C11 CVM O . -5.07 3.83 -18.39
C6 CVM P . -3.43 -1.87 -19.57
C7 CVM P . -3.08 -0.61 -20.35
C8 CVM P . -2.03 0.23 -19.62
C9 CVM P . -1.50 -0.53 -18.42
C10 CVM P . -1.02 -1.91 -18.84
C11 CVM P . -2.18 -2.73 -19.42
C6 CVM Q . -8.01 -1.48 -16.51
C7 CVM Q . -6.85 -1.22 -17.45
C8 CVM Q . -5.77 -0.39 -16.79
C9 CVM Q . -6.11 -0.15 -15.33
C10 CVM Q . -6.37 -1.47 -14.60
C11 CVM Q . -7.53 -2.20 -15.25
C6 CVM R . -5.43 -6.46 -15.44
C7 CVM R . -4.63 -5.29 -16.01
C8 CVM R . -3.17 -5.37 -15.56
C9 CVM R . -2.91 -6.60 -14.71
C10 CVM R . -3.84 -6.63 -13.49
C11 CVM R . -5.29 -6.49 -13.92
C6 CVM S . 0.19 -8.85 -17.36
C7 CVM S . 0.26 -8.05 -18.65
C8 CVM S . -0.31 -6.65 -18.44
C9 CVM S . 0.48 -5.92 -17.36
C10 CVM S . 0.48 -6.71 -16.07
C11 CVM S . 0.99 -8.14 -16.28
C6 CVM T . 6.29 -11.55 -19.60
C7 CVM T . 7.34 -10.47 -19.82
C8 CVM T . 6.69 -9.10 -19.98
C9 CVM T . 5.18 -9.14 -19.78
C10 CVM T . 4.87 -9.80 -18.44
C11 CVM T . 5.46 -11.20 -18.38
C6 CVM U . -2.16 -12.35 -11.21
C7 CVM U . -1.90 -11.98 -12.66
C8 CVM U . -0.78 -10.96 -12.77
C9 CVM U . -0.22 -10.59 -11.40
C10 CVM U . -1.35 -10.08 -10.51
C11 CVM U . -2.47 -11.10 -10.40
C1 CVM V . 28.87 -7.91 -0.10
C2 CVM V . 27.99 -7.51 1.08
C3 CVM V . 26.95 -6.45 0.70
C4 CVM V . 25.66 -6.58 1.51
C6 CVM V . 24.38 -6.43 0.68
C7 CVM V . 24.00 -4.96 0.51
C8 CVM V . 22.56 -4.73 0.02
C9 CVM V . 21.89 -6.00 -0.46
C10 CVM V . 21.87 -7.02 0.69
C11 CVM V . 23.23 -7.16 1.37
O12 CVM V . 29.37 -9.25 0.02
C13 CVM V . 29.28 -10.00 -1.21
O14 CVM V . 29.25 -11.40 -0.94
C15 CVM V . 29.20 -12.24 -2.12
C16 CVM V . 30.43 -12.00 -2.99
C17 CVM V . 30.48 -10.52 -3.39
C18 CVM V . 30.44 -9.64 -2.14
C19 CVM V . 29.01 -13.73 -1.79
O20 CVM V . 28.42 -14.44 -2.90
O21 CVM V . 31.68 -10.24 -4.12
O22 CVM V . 30.34 -8.25 -2.54
O23 CVM V . 30.35 -12.86 -4.13
C24 CVM V . 31.61 -13.01 -4.79
O25 CVM V . 32.67 -12.78 -3.86
C26 CVM V . 33.86 -13.52 -4.14
C27 CVM V . 34.05 -13.62 -5.65
C28 CVM V . 32.98 -14.55 -6.22
C29 CVM V . 31.69 -14.39 -5.44
C30 CVM V . 35.05 -12.84 -3.48
O31 CVM V . 35.14 -11.48 -3.93
O32 CVM V . 35.35 -14.11 -5.96
O33 CVM V . 32.75 -14.24 -7.60
O34 CVM V . 31.59 -15.41 -4.45
C6 CVM W . -9.91 -4.35 -10.30
C7 CVM W . -9.36 -5.48 -11.17
C8 CVM W . -8.04 -5.11 -11.84
C9 CVM W . -7.67 -3.67 -11.57
C10 CVM W . -7.55 -3.44 -10.08
C11 CVM W . -8.81 -3.89 -9.34
C6 CVM X . -6.83 -9.79 -8.77
C7 CVM X . -6.38 -9.13 -10.07
C8 CVM X . -5.18 -8.21 -9.85
C9 CVM X . -4.73 -8.26 -8.39
C10 CVM X . -4.44 -9.70 -7.98
C11 CVM X . -5.67 -10.58 -8.17
C6 CVM Y . -9.96 -7.81 -5.92
C7 CVM Y . -8.46 -7.47 -5.90
C8 CVM Y . -8.02 -6.97 -4.53
C9 CVM Y . -9.17 -6.99 -3.53
C10 CVM Y . -9.81 -8.38 -3.46
C11 CVM Y . -10.27 -8.85 -4.84
C6 CVM Z . -7.64 -11.95 -1.14
C7 CVM Z . -7.82 -12.51 -2.54
C8 CVM Z . -6.52 -12.57 -3.31
C9 CVM Z . -5.36 -11.99 -2.50
C10 CVM Z . -5.21 -12.71 -1.17
C11 CVM Z . -6.53 -12.70 -0.40
C6 CVM AA . -2.03 -15.26 -6.49
C7 CVM AA . -2.47 -13.83 -6.79
C8 CVM AA . -2.53 -13.01 -5.50
C9 CVM AA . -1.31 -13.25 -4.63
C10 CVM AA . -1.28 -14.69 -4.14
C11 CVM AA . -2.17 -15.58 -4.99
C6 CVM BA . 3.14 -18.49 -5.98
C7 CVM BA . 4.43 -18.90 -6.67
C8 CVM BA . 4.61 -18.12 -7.97
C9 CVM BA . 3.41 -17.23 -8.27
C10 CVM BA . 3.16 -16.24 -7.15
C11 CVM BA . 3.09 -16.98 -5.81
C6 CVM CA . -2.37 -16.42 1.81
C7 CVM CA . -3.23 -15.28 2.37
C8 CVM CA . -2.53 -13.94 2.22
C9 CVM CA . -1.20 -14.09 1.49
C10 CVM CA . -1.41 -14.79 0.15
C11 CVM CA . -2.06 -16.16 0.34
C1 CVM DA . 29.13 -7.95 4.75
C2 CVM DA . 28.43 -7.02 5.75
C3 CVM DA . 27.10 -6.50 5.18
C4 CVM DA . 26.10 -6.09 6.28
C6 CVM DA . 24.66 -6.57 6.01
C7 CVM DA . 23.77 -5.41 5.56
C8 CVM DA . 22.34 -5.89 5.28
C9 CVM DA . 21.72 -6.55 6.50
C10 CVM DA . 22.62 -7.66 7.02
C11 CVM DA . 24.05 -7.16 7.27
O12 CVM DA . 29.81 -9.02 5.43
C13 CVM DA . 29.49 -10.32 4.88
O14 CVM DA . 29.57 -11.34 5.89
C15 CVM DA . 29.13 -12.65 5.46
C16 CVM DA . 29.66 -13.11 4.10
C17 CVM DA . 29.96 -11.99 3.11
C18 CVM DA . 30.47 -10.72 3.78
C19 CVM DA . 29.50 -13.70 6.52
O20 CVM DA . 28.97 -14.98 6.15
O21 CVM DA . 30.93 -12.44 2.16
O22 CVM DA . 30.61 -9.65 2.84
O23 CVM DA . 28.68 -14.01 3.55
C24 CVM DA . 29.25 -15.16 2.93
O25 CVM DA . 30.04 -15.86 3.90
C26 CVM DA . 29.46 -17.04 4.46
C27 CVM DA . 29.16 -18.00 3.32
C28 CVM DA . 27.94 -17.43 2.63
C29 CVM DA . 28.13 -15.96 2.23
C30 CVM DA . 30.36 -17.66 5.51
O31 CVM DA . 29.56 -18.05 6.63
O32 CVM DA . 28.88 -19.30 3.85
O33 CVM DA . 27.67 -18.21 1.46
O34 CVM DA . 26.87 -15.30 2.43
C6 CVM EA . -10.74 -8.05 2.61
C7 CVM EA . -11.31 -9.27 1.90
C8 CVM EA . -10.52 -9.59 0.64
C9 CVM EA . -9.42 -8.56 0.37
C10 CVM EA . -8.47 -8.50 1.56
C11 CVM EA . -9.25 -8.27 2.85
C6 CVM FA . -7.09 -13.33 3.95
C7 CVM FA . -6.37 -13.39 5.29
C8 CVM FA . -4.87 -13.11 5.11
C9 CVM FA . -4.63 -11.78 4.42
C10 CVM FA . -5.38 -11.70 3.10
C11 CVM FA . -6.88 -11.97 3.31
C6 CVM GA . -9.47 -10.36 7.13
C7 CVM GA . -7.98 -10.45 7.46
C8 CVM GA . -7.63 -9.49 8.60
C9 CVM GA . -8.83 -8.62 8.95
C10 CVM GA . -9.98 -9.50 9.44
C11 CVM GA . -10.28 -10.58 8.41
C6 CVM HA . -6.19 -12.67 12.51
C7 CVM HA . -6.04 -13.43 11.20
C8 CVM HA . -5.04 -12.76 10.25
C9 CVM HA . -3.62 -12.79 10.82
C10 CVM HA . -3.67 -12.66 12.34
C11 CVM HA . -4.91 -11.88 12.79
C6 CVM IA . -2.73 -16.77 8.69
C7 CVM IA . -2.63 -16.50 7.20
C8 CVM IA . -1.85 -15.22 6.95
C9 CVM IA . -1.37 -14.60 8.26
C10 CVM IA . -0.54 -15.60 9.06
C11 CVM IA . -1.36 -16.87 9.32
C6 CVM JA . 4.36 -21.00 7.76
C7 CVM JA . 4.96 -20.15 6.65
C8 CVM JA . 4.02 -19.02 6.21
C9 CVM JA . 2.76 -18.98 7.06
C10 CVM JA . 3.12 -18.92 8.53
C11 CVM JA . 4.01 -20.09 8.95
C6 CVM KA . -0.46 -15.83 13.73
C7 CVM KA . -1.37 -14.62 13.61
C8 CVM KA . -1.64 -13.97 14.96
C9 CVM KA . -0.35 -13.40 15.56
C10 CVM KA . 0.85 -14.17 15.05
C11 CVM KA . 0.52 -15.64 14.88
C1 CVM LA . 30.55 -6.05 9.64
C2 CVM LA . 29.62 -4.97 10.17
C3 CVM LA . 28.17 -5.48 10.27
C4 CVM LA . 27.14 -4.37 10.36
C6 CVM LA . 25.71 -4.90 10.58
C7 CVM LA . 24.70 -3.83 10.18
C8 CVM LA . 23.27 -4.20 10.55
C9 CVM LA . 23.19 -5.59 11.18
C10 CVM LA . 24.08 -5.67 12.39
C11 CVM LA . 25.52 -5.28 12.05
O12 CVM LA . 31.10 -6.86 10.69
C13 CVM LA . 30.73 -8.26 10.62
O14 CVM LA . 31.26 -8.98 11.74
C15 CVM LA . 30.89 -10.37 11.84
C16 CVM LA . 31.07 -11.16 10.55
C17 CVM LA . 30.72 -10.36 9.29
C18 CVM LA . 31.26 -8.94 9.35
C19 CVM LA . 31.66 -11.03 12.98
O20 CVM LA . 31.33 -12.42 13.07
O21 CVM LA . 31.28 -11.00 8.13
O22 CVM LA . 30.86 -8.24 8.16
O23 CVM LA . 30.26 -12.34 10.68
C24 CVM LA . 30.50 -13.38 9.74
O25 CVM LA . 31.79 -13.24 9.16
C26 CVM LA . 32.84 -13.85 9.92
C27 CVM LA . 32.72 -15.36 9.90
C28 CVM LA . 31.26 -15.81 9.90
C29 CVM LA . 30.33 -14.73 10.44
C30 CVM LA . 34.17 -13.39 9.32
O31 CVM LA . 33.95 -12.99 7.96
O32 CVM LA . 33.38 -15.90 11.05
O33 CVM LA . 30.85 -16.17 8.58
O34 CVM LA . 30.52 -14.57 11.85
C6 CVM MA . -9.60 -8.30 15.22
C7 CVM MA . -9.05 -9.59 14.62
C8 CVM MA . -8.08 -9.31 13.47
C9 CVM MA . -7.89 -7.81 13.29
C10 CVM MA . -7.43 -7.19 14.60
C11 CVM MA . -8.44 -7.44 15.72
C6 CVM NA . -5.36 -10.54 16.91
C7 CVM NA . -3.98 -10.38 16.28
C8 CVM NA . -2.87 -10.38 17.32
C9 CVM NA . -3.43 -10.59 18.72
C10 CVM NA . -4.28 -11.85 18.78
C11 CVM NA . -5.39 -11.81 17.74
C6 CVM OA . -7.61 -7.13 21.07
C7 CVM OA . -7.03 -8.20 20.15
C8 CVM OA . -5.72 -7.73 19.53
C9 CVM OA . -5.43 -6.27 19.90
C10 CVM OA . -5.35 -6.09 21.41
C11 CVM OA . -6.57 -6.69 22.09
C6 CVM PA . -2.21 -9.73 23.71
C7 CVM PA . -1.10 -9.02 22.97
C8 CVM PA . -0.15 -8.26 23.90
C9 CVM PA . -0.64 -8.31 25.34
C10 CVM PA . -2.10 -7.88 25.43
C11 CVM PA . -3.00 -8.75 24.57
C6 CVM QA . 1.02 -13.99 22.73
C7 CVM QA . 0.78 -14.37 21.27
C8 CVM QA . 0.51 -13.14 20.41
C9 CVM QA . 0.55 -11.86 21.25
C10 CVM QA . 1.88 -11.74 21.99
C11 CVM QA . 2.16 -12.97 22.84
C6 CVM RA . 7.52 -17.90 20.91
C7 CVM RA . 7.00 -17.10 19.72
C8 CVM RA . 5.57 -16.61 19.92
C9 CVM RA . 5.47 -15.78 21.19
C10 CVM RA . 6.00 -16.57 22.40
C11 CVM RA . 7.42 -17.08 22.18
C6 CVM SA . 2.80 -10.72 27.15
C7 CVM SA . 2.40 -9.32 27.59
C8 CVM SA . 3.62 -8.46 27.89
C9 CVM SA . 4.39 -8.17 26.61
C10 CVM SA . 4.20 -9.30 25.61
C11 CVM SA . 4.08 -10.64 26.33
#